data_9M3U
#
_entry.id   9M3U
#
_cell.length_a   110.630
_cell.length_b   110.630
_cell.length_c   84.000
_cell.angle_alpha   90.00
_cell.angle_beta   90.00
_cell.angle_gamma   120.00
#
_symmetry.space_group_name_H-M   'P 64'
#
loop_
_entity.id
_entity.type
_entity.pdbx_description
1 polymer '[Pyruvate dehydrogenase (acetyl-transferring)] kinase isozyme 2, mitochondrial'
2 non-polymer 1,2-ETHANEDIOL
3 non-polymer 'N-(2-AMINOETHYL)-2-{3-CHLORO-4-[(4-ISOPROPYLBENZYL)OXY]PHENYL} ACETAMIDE'
4 non-polymer GLYCEROL
5 non-polymer 2-cyano-N-[(3R)-1-[(3S)-3-ethyl-7-(ethylamino)-5-fluoranyl-2-oxidanylidene-1H-indol-3-yl]piperidin-3-yl]-2-azaspiro[3.3]heptane-6-carboxamide
6 water water
#
_entity_poly.entity_id   1
_entity_poly.type   'polypeptide(L)'
_entity_poly.pdbx_seq_one_letter_code
;PKYIEHFSKFSPSPLSMKQFLDFGSSNACEKTSFTFLRQELPVRLANIMKEINLLPDRVLSTPSVQLVQSWYVQSLLDIM
EFLDKDPEDHRTLSQFTDALVTIRNRHNDVVPTMAQGVLEYKDTYGDDPVSNQNIQYFLDRFYLSRISIRMLINQHTLIF
DGSTNPAHPKHIGSIDPNCNVSEVVKDAYDMAKLLCDKYYMASPDLEIQEINAANSKQPIHMVYVPSHLYHMLFELFKNA
MRATVESHESSLILPPIKVMVALGEEDLSIKMSDRGGGVPLRKIERLFSYMYSTAPTPQPGTGGTPLAGFGYGLPISRLY
AKYFQGDLQLFSMEGFGTDAVIYLKALSTDSVERLPVYNKSA
;
_entity_poly.pdbx_strand_id   A
#
# COMPACT_ATOMS: atom_id res chain seq x y z
N PRO A 1 -12.77 20.93 16.30
CA PRO A 1 -11.34 21.29 16.30
C PRO A 1 -10.97 22.18 15.11
N LYS A 2 -10.61 23.45 15.37
CA LYS A 2 -10.49 24.42 14.27
C LYS A 2 -9.23 24.19 13.43
N TYR A 3 -8.10 23.85 14.06
CA TYR A 3 -6.89 23.49 13.32
C TYR A 3 -7.17 22.36 12.34
N ILE A 4 -7.84 21.30 12.81
CA ILE A 4 -8.33 20.26 11.92
C ILE A 4 -9.35 20.83 10.96
N GLU A 5 -10.25 21.69 11.47
CA GLU A 5 -11.33 22.22 10.64
C GLU A 5 -10.79 23.11 9.52
N HIS A 6 -9.72 23.86 9.80
CA HIS A 6 -9.15 24.73 8.78
C HIS A 6 -8.58 23.92 7.62
N PHE A 7 -7.71 22.96 7.91
CA PHE A 7 -7.05 22.22 6.85
C PHE A 7 -7.98 21.24 6.16
N SER A 8 -9.00 20.73 6.86
CA SER A 8 -9.94 19.83 6.22
C SER A 8 -10.82 20.54 5.20
N LYS A 9 -10.80 21.87 5.17
CA LYS A 9 -11.47 22.63 4.11
C LYS A 9 -10.75 22.53 2.79
N PHE A 10 -9.51 22.07 2.79
CA PHE A 10 -8.76 21.93 1.54
C PHE A 10 -8.85 20.50 1.03
N SER A 11 -8.85 20.35 -0.30
CA SER A 11 -8.76 19.00 -0.81
C SER A 11 -7.29 18.59 -0.99
N PRO A 12 -6.97 17.34 -0.70
CA PRO A 12 -5.63 16.84 -1.04
C PRO A 12 -5.34 17.05 -2.51
N SER A 13 -4.08 17.32 -2.82
CA SER A 13 -3.61 17.56 -4.18
C SER A 13 -2.86 16.33 -4.66
N PRO A 14 -3.46 15.47 -5.47
CA PRO A 14 -2.75 14.27 -5.91
C PRO A 14 -1.66 14.61 -6.91
N LEU A 15 -0.51 13.93 -6.76
CA LEU A 15 0.65 14.14 -7.63
C LEU A 15 0.79 13.00 -8.62
N SER A 16 1.35 13.30 -9.77
CA SER A 16 1.69 12.27 -10.73
C SER A 16 3.10 11.74 -10.49
N MET A 17 3.43 10.65 -11.18
CA MET A 17 4.81 10.17 -11.18
C MET A 17 5.77 11.24 -11.65
N LYS A 18 5.44 11.87 -12.78
CA LYS A 18 6.29 12.94 -13.30
C LYS A 18 6.52 14.00 -12.24
N GLN A 19 5.47 14.42 -11.56
CA GLN A 19 5.63 15.46 -10.55
C GLN A 19 6.57 15.01 -9.43
N PHE A 20 6.48 13.74 -9.02
CA PHE A 20 7.39 13.22 -8.00
C PHE A 20 8.83 13.21 -8.50
N LEU A 21 9.03 12.85 -9.77
CA LEU A 21 10.39 12.80 -10.32
C LEU A 21 11.01 14.18 -10.39
N ASP A 22 10.20 15.24 -10.53
CA ASP A 22 10.76 16.58 -10.62
C ASP A 22 11.17 17.11 -9.26
N PHE A 23 10.42 16.75 -8.22
CA PHE A 23 10.78 17.20 -6.87
C PHE A 23 12.15 16.70 -6.45
N GLY A 24 12.50 15.49 -6.84
CA GLY A 24 13.76 14.92 -6.43
C GLY A 24 14.80 14.82 -7.53
N SER A 25 14.60 15.59 -8.61
CA SER A 25 15.64 15.66 -9.63
C SER A 25 16.86 16.42 -9.12
N SER A 26 16.64 17.43 -8.28
CA SER A 26 17.68 18.29 -7.76
C SER A 26 17.66 18.29 -6.23
N ASN A 27 18.78 18.75 -5.66
CA ASN A 27 18.84 19.12 -4.26
C ASN A 27 18.37 20.54 -4.03
N ALA A 28 18.32 21.37 -5.08
CA ALA A 28 17.85 22.75 -4.95
C ALA A 28 16.36 22.84 -4.66
N CYS A 29 15.60 21.80 -5.02
CA CYS A 29 14.15 21.78 -4.81
C CYS A 29 13.75 21.48 -3.37
N GLU A 30 14.70 21.49 -2.43
CA GLU A 30 14.33 21.19 -1.04
C GLU A 30 13.44 22.27 -0.45
N LYS A 31 13.72 23.54 -0.77
CA LYS A 31 12.83 24.62 -0.38
C LYS A 31 11.43 24.40 -0.94
N THR A 32 11.35 23.91 -2.19
CA THR A 32 10.06 23.71 -2.83
C THR A 32 9.29 22.57 -2.18
N SER A 33 9.99 21.48 -1.82
CA SER A 33 9.34 20.37 -1.13
C SER A 33 8.83 20.80 0.24
N PHE A 34 9.62 21.63 0.95
CA PHE A 34 9.25 22.06 2.30
C PHE A 34 8.00 22.94 2.29
N THR A 35 8.00 23.99 1.48
CA THR A 35 6.83 24.87 1.43
C THR A 35 5.60 24.14 0.91
N PHE A 36 5.79 23.11 0.07
CA PHE A 36 4.65 22.33 -0.39
C PHE A 36 4.14 21.39 0.71
N LEU A 37 5.04 20.61 1.29
CA LEU A 37 4.63 19.62 2.27
C LEU A 37 4.13 20.26 3.55
N ARG A 38 4.64 21.43 3.93
CA ARG A 38 4.17 22.00 5.18
C ARG A 38 2.74 22.49 5.09
N GLN A 39 2.19 22.57 3.88
CA GLN A 39 0.77 22.80 3.66
C GLN A 39 0.03 21.50 3.36
N GLU A 40 0.59 20.67 2.47
CA GLU A 40 -0.11 19.49 1.99
C GLU A 40 -0.24 18.41 3.06
N LEU A 41 0.79 18.22 3.90
CA LEU A 41 0.68 17.21 4.95
C LEU A 41 -0.41 17.56 5.97
N PRO A 42 -0.51 18.79 6.48
CA PRO A 42 -1.68 19.12 7.31
C PRO A 42 -3.01 18.87 6.61
N VAL A 43 -3.11 19.21 5.31
CA VAL A 43 -4.34 18.98 4.57
C VAL A 43 -4.71 17.49 4.60
N ARG A 44 -3.74 16.62 4.34
CA ARG A 44 -4.04 15.19 4.27
C ARG A 44 -4.31 14.59 5.64
N LEU A 45 -3.57 15.04 6.67
CA LEU A 45 -3.85 14.57 8.02
C LEU A 45 -5.24 15.00 8.48
N ALA A 46 -5.53 16.30 8.35
CA ALA A 46 -6.83 16.81 8.78
C ALA A 46 -7.96 16.12 8.05
N ASN A 47 -7.80 15.85 6.75
CA ASN A 47 -8.90 15.20 6.04
C ASN A 47 -9.20 13.82 6.62
N ILE A 48 -8.15 13.04 6.93
CA ILE A 48 -8.45 11.72 7.48
C ILE A 48 -8.91 11.84 8.94
N MET A 49 -8.39 12.82 9.69
CA MET A 49 -8.86 12.97 11.07
C MET A 49 -10.32 13.38 11.10
N LYS A 50 -10.75 14.21 10.15
CA LYS A 50 -12.16 14.58 10.10
C LYS A 50 -13.04 13.35 9.91
N GLU A 51 -12.57 12.40 9.11
CA GLU A 51 -13.34 11.19 8.86
C GLU A 51 -13.34 10.26 10.06
N ILE A 52 -12.20 10.15 10.75
CA ILE A 52 -12.16 9.42 12.02
C ILE A 52 -13.22 9.95 12.98
N ASN A 53 -13.41 11.27 13.00
CA ASN A 53 -14.39 11.85 13.92
C ASN A 53 -15.82 11.62 13.48
N LEU A 54 -16.06 11.25 12.23
CA LEU A 54 -17.42 10.88 11.81
C LEU A 54 -17.82 9.50 12.27
N LEU A 55 -16.91 8.72 12.84
CA LEU A 55 -17.25 7.38 13.28
C LEU A 55 -18.24 7.45 14.44
N PRO A 56 -19.20 6.52 14.50
CA PRO A 56 -20.13 6.50 15.64
C PRO A 56 -19.36 6.44 16.95
N ASP A 57 -19.98 6.95 18.01
CA ASP A 57 -19.27 7.08 19.28
C ASP A 57 -18.83 5.72 19.82
N ARG A 58 -19.59 4.66 19.57
CA ARG A 58 -19.20 3.34 20.07
C ARG A 58 -17.95 2.79 19.38
N VAL A 59 -17.55 3.37 18.25
CA VAL A 59 -16.27 3.07 17.59
C VAL A 59 -15.22 4.12 17.95
N LEU A 60 -15.61 5.40 17.85
CA LEU A 60 -14.71 6.52 18.12
C LEU A 60 -14.08 6.42 19.50
N SER A 61 -14.87 6.03 20.51
CA SER A 61 -14.45 6.07 21.91
C SER A 61 -13.62 4.88 22.34
N THR A 62 -13.40 3.88 21.48
CA THR A 62 -12.63 2.72 21.89
C THR A 62 -11.15 3.09 21.98
N PRO A 63 -10.36 2.34 22.77
CA PRO A 63 -9.00 2.81 23.04
C PRO A 63 -8.13 2.86 21.81
N SER A 64 -8.31 1.95 20.86
CA SER A 64 -7.39 1.91 19.73
C SER A 64 -7.62 3.08 18.80
N VAL A 65 -8.88 3.49 18.60
CA VAL A 65 -9.15 4.63 17.73
C VAL A 65 -8.75 5.93 18.41
N GLN A 66 -8.93 6.00 19.73
CA GLN A 66 -8.43 7.16 20.46
C GLN A 66 -6.91 7.24 20.39
N LEU A 67 -6.23 6.09 20.49
CA LEU A 67 -4.78 6.08 20.42
C LEU A 67 -4.30 6.57 19.06
N VAL A 68 -4.86 6.00 17.99
CA VAL A 68 -4.44 6.42 16.65
C VAL A 68 -4.78 7.88 16.43
N GLN A 69 -5.98 8.30 16.83
CA GLN A 69 -6.34 9.70 16.64
C GLN A 69 -5.42 10.64 17.41
N SER A 70 -4.94 10.21 18.58
CA SER A 70 -4.00 11.04 19.34
C SER A 70 -2.68 11.19 18.60
N TRP A 71 -2.26 10.16 17.87
CA TRP A 71 -1.06 10.27 17.04
C TRP A 71 -1.24 11.28 15.93
N TYR A 72 -2.37 11.22 15.22
CA TYR A 72 -2.60 12.18 14.14
C TYR A 72 -2.75 13.60 14.68
N VAL A 73 -3.29 13.78 15.89
CA VAL A 73 -3.35 15.12 16.45
C VAL A 73 -1.93 15.62 16.70
N GLN A 74 -1.06 14.76 17.20
CA GLN A 74 0.30 15.19 17.51
C GLN A 74 1.10 15.46 16.26
N SER A 75 0.96 14.61 15.24
CA SER A 75 1.69 14.82 14.00
C SER A 75 1.26 16.11 13.31
N LEU A 76 -0.03 16.45 13.39
CA LEU A 76 -0.50 17.72 12.86
C LEU A 76 0.16 18.88 13.60
N LEU A 77 0.21 18.81 14.93
CA LEU A 77 0.83 19.88 15.70
C LEU A 77 2.31 20.02 15.37
N ASP A 78 3.01 18.88 15.20
CA ASP A 78 4.42 18.93 14.81
C ASP A 78 4.64 19.74 13.55
N ILE A 79 3.76 19.58 12.55
CA ILE A 79 3.97 20.24 11.27
C ILE A 79 3.48 21.68 11.29
N MET A 80 2.28 21.94 11.85
CA MET A 80 1.90 23.34 11.76
C MET A 80 2.78 24.26 12.66
N GLU A 81 3.85 23.73 13.26
CA GLU A 81 4.90 24.57 13.86
C GLU A 81 5.72 25.26 12.78
N PHE A 82 5.92 24.61 11.64
CA PHE A 82 6.79 25.14 10.59
C PHE A 82 6.08 26.10 9.65
N LEU A 83 4.80 26.40 9.88
CA LEU A 83 4.05 27.21 8.93
C LEU A 83 4.61 28.62 8.82
N ASP A 84 5.01 29.21 9.96
CA ASP A 84 5.54 30.57 9.96
C ASP A 84 7.03 30.62 9.62
N LYS A 85 7.74 29.49 9.66
CA LYS A 85 9.19 29.49 9.58
C LYS A 85 9.66 29.86 8.17
N ASP A 86 10.92 30.26 8.08
CA ASP A 86 11.46 30.80 6.85
C ASP A 86 12.16 29.71 6.06
N PRO A 87 11.79 29.48 4.80
CA PRO A 87 12.43 28.40 4.02
C PRO A 87 13.91 28.63 3.74
N GLU A 88 14.43 29.86 3.84
CA GLU A 88 15.84 30.10 3.52
C GLU A 88 16.80 29.71 4.63
N ASP A 89 16.29 29.41 5.83
CA ASP A 89 17.14 28.98 6.94
C ASP A 89 17.37 27.48 6.84
N HIS A 90 18.62 27.08 6.61
CA HIS A 90 18.93 25.66 6.51
C HIS A 90 18.58 24.92 7.78
N ARG A 91 18.60 25.60 8.94
CA ARG A 91 18.15 24.94 10.16
C ARG A 91 16.64 24.70 10.14
N THR A 92 15.89 25.51 9.39
CA THR A 92 14.46 25.22 9.24
C THR A 92 14.24 23.99 8.37
N LEU A 93 15.05 23.81 7.32
CA LEU A 93 14.91 22.62 6.47
C LEU A 93 15.29 21.36 7.22
N SER A 94 16.45 21.37 7.89
CA SER A 94 16.93 20.16 8.54
C SER A 94 16.01 19.75 9.68
N GLN A 95 15.56 20.71 10.50
CA GLN A 95 14.57 20.39 11.52
C GLN A 95 13.27 19.88 10.91
N PHE A 96 12.94 20.32 9.68
CA PHE A 96 11.73 19.82 9.05
C PHE A 96 11.87 18.34 8.71
N THR A 97 12.99 17.97 8.07
CA THR A 97 13.25 16.56 7.80
C THR A 97 13.21 15.75 9.10
N ASP A 98 13.87 16.25 10.14
CA ASP A 98 13.84 15.60 11.45
C ASP A 98 12.41 15.34 11.90
N ALA A 99 11.56 16.37 11.86
CA ALA A 99 10.19 16.21 12.34
C ALA A 99 9.41 15.20 11.51
N LEU A 100 9.78 15.01 10.24
CA LEU A 100 9.07 14.03 9.43
C LEU A 100 9.40 12.61 9.88
N VAL A 101 10.68 12.36 10.18
CA VAL A 101 11.08 11.04 10.66
C VAL A 101 10.36 10.69 11.96
N THR A 102 10.24 11.66 12.87
CA THR A 102 9.51 11.44 14.11
C THR A 102 8.05 11.08 13.82
N ILE A 103 7.40 11.81 12.92
CA ILE A 103 6.00 11.55 12.58
C ILE A 103 5.84 10.16 11.98
N ARG A 104 6.73 9.79 11.05
CA ARG A 104 6.61 8.48 10.42
C ARG A 104 6.70 7.37 11.46
N ASN A 105 7.66 7.48 12.39
CA ASN A 105 7.87 6.42 13.39
C ASN A 105 6.71 6.35 14.37
N ARG A 106 6.22 7.52 14.82
CA ARG A 106 5.08 7.57 15.74
C ARG A 106 3.94 6.69 15.27
N HIS A 107 3.69 6.67 13.96
CA HIS A 107 2.58 5.96 13.36
C HIS A 107 2.92 4.52 12.97
N ASN A 108 4.08 3.98 13.38
CA ASN A 108 4.53 2.72 12.79
C ASN A 108 3.66 1.54 13.16
N ASP A 109 2.87 1.65 14.22
CA ASP A 109 2.08 0.53 14.75
C ASP A 109 0.60 0.63 14.41
N VAL A 110 0.24 1.39 13.38
CA VAL A 110 -1.18 1.69 13.17
C VAL A 110 -1.93 0.45 12.73
N VAL A 111 -1.30 -0.38 11.88
CA VAL A 111 -2.04 -1.50 11.28
C VAL A 111 -2.51 -2.48 12.34
N PRO A 112 -1.66 -3.03 13.22
CA PRO A 112 -2.18 -3.90 14.27
C PRO A 112 -2.96 -3.17 15.35
N THR A 113 -2.79 -1.85 15.49
CA THR A 113 -3.60 -1.10 16.43
C THR A 113 -5.05 -1.03 15.94
N MET A 114 -5.24 -0.69 14.67
CA MET A 114 -6.58 -0.70 14.09
C MET A 114 -7.19 -2.10 14.14
N ALA A 115 -6.39 -3.13 13.85
CA ALA A 115 -6.92 -4.50 13.88
C ALA A 115 -7.41 -4.88 15.26
N GLN A 116 -6.75 -4.36 16.30
CA GLN A 116 -7.26 -4.59 17.65
C GLN A 116 -8.63 -3.93 17.82
N GLY A 117 -8.83 -2.76 17.22
CA GLY A 117 -10.15 -2.14 17.25
C GLY A 117 -11.19 -2.96 16.51
N VAL A 118 -10.80 -3.54 15.37
CA VAL A 118 -11.72 -4.39 14.63
C VAL A 118 -12.10 -5.61 15.46
N LEU A 119 -11.11 -6.23 16.10
CA LEU A 119 -11.39 -7.40 16.92
C LEU A 119 -12.37 -7.06 18.03
N GLU A 120 -12.22 -5.90 18.66
CA GLU A 120 -13.11 -5.56 19.75
C GLU A 120 -14.52 -5.29 19.25
N TYR A 121 -14.64 -4.61 18.11
CA TYR A 121 -15.96 -4.36 17.55
C TYR A 121 -16.67 -5.68 17.26
N LYS A 122 -15.95 -6.65 16.65
CA LYS A 122 -16.55 -7.95 16.36
C LYS A 122 -17.08 -8.62 17.61
N ASP A 123 -16.33 -8.55 18.71
CA ASP A 123 -16.80 -9.16 19.94
C ASP A 123 -17.76 -8.29 20.73
N THR A 124 -17.72 -6.96 20.58
CA THR A 124 -18.65 -6.16 21.36
C THR A 124 -19.96 -5.85 20.61
N TYR A 125 -19.93 -5.72 19.28
CA TYR A 125 -21.15 -5.43 18.54
C TYR A 125 -21.51 -6.44 17.46
N GLY A 126 -20.56 -7.23 16.96
CA GLY A 126 -20.87 -8.36 16.13
C GLY A 126 -20.25 -8.22 14.75
N ASP A 127 -20.46 -9.26 13.93
CA ASP A 127 -19.88 -9.22 12.59
C ASP A 127 -20.95 -9.41 11.51
N ASP A 128 -21.99 -8.59 11.55
CA ASP A 128 -23.02 -8.61 10.53
C ASP A 128 -22.49 -7.98 9.24
N PRO A 129 -23.18 -8.19 8.12
CA PRO A 129 -22.68 -7.61 6.85
C PRO A 129 -22.58 -6.09 6.85
N VAL A 130 -23.51 -5.39 7.48
CA VAL A 130 -23.45 -3.92 7.45
C VAL A 130 -22.24 -3.41 8.23
N SER A 131 -21.93 -4.06 9.36
CA SER A 131 -20.67 -3.77 10.04
C SER A 131 -19.47 -4.03 9.15
N ASN A 132 -19.48 -5.16 8.43
CA ASN A 132 -18.38 -5.49 7.53
C ASN A 132 -18.17 -4.39 6.48
N GLN A 133 -19.26 -3.94 5.86
CA GLN A 133 -19.13 -2.93 4.81
C GLN A 133 -18.55 -1.63 5.34
N ASN A 134 -18.96 -1.21 6.54
CA ASN A 134 -18.50 0.07 7.09
C ASN A 134 -17.04 0.00 7.52
N ILE A 135 -16.64 -1.11 8.14
CA ILE A 135 -15.22 -1.31 8.43
C ILE A 135 -14.43 -1.27 7.13
N GLN A 136 -14.93 -1.92 6.09
CA GLN A 136 -14.21 -2.00 4.83
C GLN A 136 -14.09 -0.63 4.18
N TYR A 137 -15.20 0.12 4.13
CA TYR A 137 -15.16 1.47 3.58
C TYR A 137 -14.17 2.34 4.37
N PHE A 138 -14.28 2.33 5.70
CA PHE A 138 -13.41 3.19 6.49
C PHE A 138 -11.94 2.82 6.32
N LEU A 139 -11.59 1.53 6.51
CA LEU A 139 -10.18 1.14 6.54
C LEU A 139 -9.52 1.26 5.17
N ASP A 140 -10.24 0.96 4.09
CA ASP A 140 -9.69 1.21 2.76
C ASP A 140 -9.27 2.68 2.62
N ARG A 141 -10.13 3.59 3.06
CA ARG A 141 -9.81 5.01 2.91
C ARG A 141 -8.72 5.41 3.89
N PHE A 142 -8.82 4.95 5.14
CA PHE A 142 -7.80 5.28 6.13
C PHE A 142 -6.42 4.80 5.71
N TYR A 143 -6.33 3.55 5.26
CA TYR A 143 -5.03 2.99 4.89
C TYR A 143 -4.51 3.59 3.59
N LEU A 144 -5.39 3.90 2.63
CA LEU A 144 -4.90 4.52 1.41
C LEU A 144 -4.38 5.92 1.70
N SER A 145 -5.09 6.68 2.51
CA SER A 145 -4.60 7.95 3.01
C SER A 145 -3.23 7.80 3.66
N ARG A 146 -3.08 6.79 4.52
CA ARG A 146 -1.80 6.61 5.21
C ARG A 146 -0.68 6.27 4.23
N ILE A 147 -0.96 5.43 3.24
CA ILE A 147 0.02 5.13 2.18
C ILE A 147 0.47 6.42 1.51
N SER A 148 -0.48 7.32 1.23
CA SER A 148 -0.14 8.55 0.50
C SER A 148 0.68 9.48 1.37
N ILE A 149 0.35 9.57 2.66
CA ILE A 149 1.13 10.42 3.55
C ILE A 149 2.54 9.86 3.68
N ARG A 150 2.66 8.55 3.82
CA ARG A 150 3.98 7.94 3.91
C ARG A 150 4.78 8.15 2.63
N MET A 151 4.11 8.08 1.48
CA MET A 151 4.81 8.34 0.21
C MET A 151 5.42 9.74 0.20
N LEU A 152 4.63 10.76 0.56
CA LEU A 152 5.18 12.12 0.60
C LEU A 152 6.38 12.19 1.54
N ILE A 153 6.28 11.61 2.73
CA ILE A 153 7.37 11.74 3.69
C ILE A 153 8.62 11.03 3.18
N ASN A 154 8.46 9.82 2.65
CA ASN A 154 9.61 9.10 2.12
C ASN A 154 10.29 9.88 1.01
N GLN A 155 9.50 10.48 0.11
CA GLN A 155 10.12 11.20 -1.00
C GLN A 155 10.92 12.39 -0.50
N HIS A 156 10.48 13.03 0.57
CA HIS A 156 11.25 14.14 1.10
C HIS A 156 12.50 13.63 1.84
N THR A 157 12.32 12.71 2.79
CA THR A 157 13.44 12.33 3.65
C THR A 157 14.48 11.52 2.89
N LEU A 158 14.06 10.71 1.92
CA LEU A 158 15.02 9.89 1.17
C LEU A 158 15.86 10.74 0.22
N ILE A 159 15.33 11.85 -0.25
CA ILE A 159 16.00 12.66 -1.26
C ILE A 159 16.82 13.78 -0.64
N PHE A 160 16.31 14.41 0.42
CA PHE A 160 16.94 15.59 1.00
C PHE A 160 17.58 15.22 2.34
N ASP A 161 18.78 14.62 2.26
CA ASP A 161 19.61 14.32 3.42
C ASP A 161 20.90 15.14 3.42
N GLY A 162 21.71 15.02 2.37
CA GLY A 162 22.95 15.79 2.29
C GLY A 162 24.07 15.08 1.56
N ALA A 167 25.49 12.20 -5.92
CA ALA A 167 24.51 13.27 -5.80
C ALA A 167 23.74 13.49 -7.10
N HIS A 168 23.57 12.42 -7.88
CA HIS A 168 22.68 12.44 -9.06
C HIS A 168 22.19 11.01 -9.32
N PRO A 169 21.26 10.53 -8.50
CA PRO A 169 21.01 9.08 -8.40
C PRO A 169 20.15 8.52 -9.51
N LYS A 170 20.16 7.19 -9.61
CA LYS A 170 19.22 6.47 -10.47
C LYS A 170 17.84 6.42 -9.82
N HIS A 171 17.75 5.86 -8.62
CA HIS A 171 16.49 5.88 -7.89
C HIS A 171 16.20 7.27 -7.35
N ILE A 172 14.93 7.66 -7.40
CA ILE A 172 14.49 8.96 -6.92
C ILE A 172 13.65 8.76 -5.66
N GLY A 173 14.30 8.70 -4.51
CA GLY A 173 13.58 8.34 -3.30
C GLY A 173 13.09 6.91 -3.43
N SER A 174 11.80 6.69 -3.25
CA SER A 174 11.26 5.34 -3.35
C SER A 174 10.79 5.00 -4.76
N ILE A 175 11.01 5.89 -5.72
CA ILE A 175 10.63 5.66 -7.11
C ILE A 175 11.86 5.19 -7.88
N ASP A 176 11.68 4.14 -8.68
CA ASP A 176 12.70 3.70 -9.62
C ASP A 176 12.20 4.01 -11.01
N PRO A 177 12.83 4.91 -11.77
CA PRO A 177 12.33 5.24 -13.10
C PRO A 177 12.59 4.16 -14.13
N ASN A 178 13.38 3.14 -13.78
CA ASN A 178 13.70 2.03 -14.68
CA ASN A 178 13.70 2.03 -14.68
C ASN A 178 13.54 0.72 -13.93
N CYS A 179 12.38 0.54 -13.32
CA CYS A 179 12.09 -0.66 -12.54
C CYS A 179 11.95 -1.88 -13.43
N ASN A 180 12.83 -2.86 -13.25
CA ASN A 180 12.78 -4.15 -13.95
C ASN A 180 11.76 -5.03 -13.23
N VAL A 181 10.56 -5.12 -13.81
CA VAL A 181 9.46 -5.77 -13.12
C VAL A 181 9.80 -7.23 -12.79
N SER A 182 10.43 -7.93 -13.72
CA SER A 182 10.71 -9.34 -13.50
C SER A 182 11.71 -9.58 -12.38
N GLU A 183 12.67 -8.68 -12.21
CA GLU A 183 13.58 -8.81 -11.09
C GLU A 183 12.87 -8.67 -9.75
N VAL A 184 11.86 -7.80 -9.67
CA VAL A 184 11.11 -7.64 -8.43
C VAL A 184 10.24 -8.87 -8.18
N VAL A 185 9.67 -9.44 -9.24
CA VAL A 185 8.95 -10.70 -9.11
C VAL A 185 9.85 -11.76 -8.50
N LYS A 186 11.09 -11.90 -9.00
CA LYS A 186 11.99 -12.92 -8.49
C LYS A 186 12.40 -12.66 -7.05
N ASP A 187 12.68 -11.39 -6.70
CA ASP A 187 13.02 -11.06 -5.31
C ASP A 187 11.91 -11.48 -4.37
N ALA A 188 10.67 -11.11 -4.68
CA ALA A 188 9.55 -11.44 -3.82
C ALA A 188 9.32 -12.94 -3.76
N TYR A 189 9.52 -13.63 -4.89
CA TYR A 189 9.39 -15.09 -4.89
C TYR A 189 10.43 -15.73 -3.98
N ASP A 190 11.71 -15.34 -4.16
CA ASP A 190 12.78 -15.89 -3.36
C ASP A 190 12.49 -15.73 -1.86
N MET A 191 11.94 -14.59 -1.48
CA MET A 191 11.70 -14.34 -0.07
C MET A 191 10.58 -15.22 0.45
N ALA A 192 9.46 -15.25 -0.27
CA ALA A 192 8.36 -16.15 0.07
C ALA A 192 8.82 -17.60 0.10
N LYS A 193 9.65 -17.99 -0.87
CA LYS A 193 10.15 -19.36 -0.90
C LYS A 193 10.92 -19.68 0.36
N LEU A 194 11.75 -18.73 0.82
CA LEU A 194 12.53 -18.94 2.02
C LEU A 194 11.63 -19.25 3.21
N LEU A 195 10.56 -18.46 3.36
CA LEU A 195 9.59 -18.72 4.44
C LEU A 195 8.86 -20.03 4.21
N CYS A 196 8.41 -20.29 2.99
CA CYS A 196 7.65 -21.51 2.73
C CYS A 196 8.50 -22.76 2.97
N ASP A 197 9.77 -22.74 2.58
CA ASP A 197 10.67 -23.85 2.89
C ASP A 197 10.77 -24.10 4.40
N LYS A 198 10.91 -23.02 5.18
CA LYS A 198 11.00 -23.17 6.63
C LYS A 198 9.71 -23.75 7.20
N TYR A 199 8.55 -23.24 6.76
CA TYR A 199 7.24 -23.72 7.22
C TYR A 199 7.01 -25.19 6.84
N TYR A 200 7.16 -25.52 5.56
CA TYR A 200 6.64 -26.76 5.00
C TYR A 200 7.70 -27.74 4.51
N MET A 201 8.97 -27.36 4.48
CA MET A 201 10.07 -28.19 3.95
C MET A 201 9.93 -28.45 2.46
N ALA A 202 9.18 -27.60 1.76
CA ALA A 202 9.01 -27.73 0.32
C ALA A 202 8.40 -26.43 -0.18
N SER A 203 8.52 -26.21 -1.48
CA SER A 203 8.01 -24.96 -2.05
C SER A 203 7.87 -25.16 -3.53
N PRO A 204 6.89 -24.54 -4.16
CA PRO A 204 6.79 -24.58 -5.61
C PRO A 204 7.91 -23.80 -6.26
N ASP A 205 8.27 -24.22 -7.47
CA ASP A 205 9.17 -23.45 -8.30
C ASP A 205 8.42 -22.26 -8.94
N LEU A 206 9.20 -21.39 -9.58
CA LEU A 206 8.72 -20.17 -10.25
C LEU A 206 9.01 -20.26 -11.74
N GLU A 207 8.02 -19.87 -12.56
CA GLU A 207 8.21 -19.69 -14.00
C GLU A 207 7.73 -18.29 -14.36
N ILE A 208 8.56 -17.52 -15.07
CA ILE A 208 8.18 -16.18 -15.50
C ILE A 208 8.20 -16.13 -17.01
N GLN A 209 7.15 -15.54 -17.59
CA GLN A 209 7.11 -15.16 -19.00
C GLN A 209 6.81 -13.66 -19.10
N GLU A 210 7.33 -13.03 -20.14
CA GLU A 210 7.04 -11.64 -20.41
C GLU A 210 6.43 -11.51 -21.80
N ILE A 211 5.45 -10.63 -21.95
CA ILE A 211 4.90 -10.29 -23.26
C ILE A 211 5.03 -8.78 -23.39
N ASN A 212 5.99 -8.31 -24.18
CA ASN A 212 6.17 -6.87 -24.38
C ASN A 212 5.59 -6.62 -25.76
N ALA A 213 4.31 -6.26 -25.79
CA ALA A 213 3.55 -6.24 -27.04
C ALA A 213 4.23 -5.38 -28.11
N ALA A 214 4.58 -4.14 -27.77
CA ALA A 214 5.15 -3.24 -28.78
C ALA A 214 6.58 -3.64 -29.17
N ASN A 215 7.36 -4.17 -28.22
CA ASN A 215 8.77 -4.54 -28.47
C ASN A 215 9.02 -5.94 -27.92
N SER A 216 8.82 -6.96 -28.75
CA SER A 216 8.80 -8.33 -28.23
C SER A 216 10.11 -8.73 -27.57
N LYS A 217 11.22 -8.12 -27.95
CA LYS A 217 12.50 -8.51 -27.38
C LYS A 217 12.88 -7.76 -26.10
N GLN A 218 12.18 -6.63 -25.78
CA GLN A 218 12.75 -5.80 -24.72
C GLN A 218 12.25 -6.24 -23.35
N PRO A 219 13.14 -6.42 -22.38
CA PRO A 219 12.70 -6.67 -21.01
C PRO A 219 11.81 -5.54 -20.53
N ILE A 220 10.81 -5.88 -19.72
CA ILE A 220 9.77 -4.92 -19.36
C ILE A 220 10.22 -4.09 -18.17
N HIS A 221 10.33 -2.78 -18.38
CA HIS A 221 10.60 -1.81 -17.33
C HIS A 221 9.44 -0.83 -17.24
N MET A 222 9.34 -0.16 -16.10
CA MET A 222 8.31 0.84 -15.89
C MET A 222 8.82 1.81 -14.85
N VAL A 223 8.14 2.96 -14.71
CA VAL A 223 8.38 3.86 -13.59
C VAL A 223 7.45 3.45 -12.46
N TYR A 224 8.00 3.12 -11.30
CA TYR A 224 7.12 2.70 -10.22
C TYR A 224 7.83 2.80 -8.88
N VAL A 225 7.10 2.49 -7.81
CA VAL A 225 7.64 2.40 -6.46
C VAL A 225 7.91 0.93 -6.16
N PRO A 226 9.15 0.45 -6.29
CA PRO A 226 9.34 -1.00 -6.25
C PRO A 226 9.03 -1.62 -4.90
N SER A 227 9.13 -0.88 -3.79
CA SER A 227 8.76 -1.51 -2.52
C SER A 227 7.28 -1.84 -2.49
N HIS A 228 6.44 -1.01 -3.13
CA HIS A 228 5.01 -1.32 -3.21
C HIS A 228 4.78 -2.57 -4.05
N LEU A 229 5.45 -2.65 -5.21
CA LEU A 229 5.27 -3.80 -6.07
C LEU A 229 5.77 -5.06 -5.38
N TYR A 230 6.92 -4.95 -4.72
CA TYR A 230 7.41 -6.06 -3.89
C TYR A 230 6.37 -6.50 -2.87
N HIS A 231 5.80 -5.54 -2.10
CA HIS A 231 4.80 -5.87 -1.07
CA HIS A 231 4.84 -5.93 -1.06
C HIS A 231 3.68 -6.72 -1.65
N MET A 232 3.13 -6.29 -2.80
CA MET A 232 2.00 -6.96 -3.40
C MET A 232 2.38 -8.37 -3.86
N LEU A 233 3.49 -8.49 -4.57
CA LEU A 233 3.91 -9.80 -5.08
C LEU A 233 4.22 -10.76 -3.94
N PHE A 234 4.90 -10.27 -2.91
CA PHE A 234 5.26 -11.08 -1.75
C PHE A 234 4.03 -11.65 -1.06
N GLU A 235 3.04 -10.80 -0.82
CA GLU A 235 1.78 -11.28 -0.23
C GLU A 235 1.08 -12.28 -1.13
N LEU A 236 1.05 -12.03 -2.44
CA LEU A 236 0.41 -13.00 -3.33
C LEU A 236 1.17 -14.31 -3.36
N PHE A 237 2.52 -14.26 -3.41
CA PHE A 237 3.32 -15.48 -3.41
C PHE A 237 3.11 -16.31 -2.16
N LYS A 238 3.03 -15.68 -0.97
CA LYS A 238 2.85 -16.48 0.24
C LYS A 238 1.54 -17.24 0.19
N ASN A 239 0.50 -16.57 -0.29
CA ASN A 239 -0.81 -17.20 -0.47
C ASN A 239 -0.74 -18.34 -1.48
N ALA A 240 -0.20 -18.06 -2.66
CA ALA A 240 -0.09 -19.10 -3.68
C ALA A 240 0.70 -20.30 -3.17
N MET A 241 1.76 -20.07 -2.40
CA MET A 241 2.57 -21.17 -1.94
C MET A 241 1.84 -22.02 -0.91
N ARG A 242 1.20 -21.37 0.07
CA ARG A 242 0.45 -22.12 1.07
C ARG A 242 -0.63 -22.96 0.41
N ALA A 243 -1.36 -22.36 -0.52
CA ALA A 243 -2.42 -23.10 -1.20
C ALA A 243 -1.86 -24.28 -1.97
N THR A 244 -0.76 -24.06 -2.70
CA THR A 244 -0.13 -25.15 -3.45
C THR A 244 0.32 -26.27 -2.53
N VAL A 245 1.03 -25.92 -1.45
CA VAL A 245 1.55 -26.96 -0.56
C VAL A 245 0.42 -27.72 0.12
N GLU A 246 -0.56 -27.00 0.66
CA GLU A 246 -1.59 -27.66 1.47
C GLU A 246 -2.62 -28.41 0.63
N SER A 247 -2.68 -28.16 -0.67
CA SER A 247 -3.58 -28.93 -1.53
C SER A 247 -2.91 -30.14 -2.16
N HIS A 248 -1.64 -30.38 -1.87
CA HIS A 248 -0.89 -31.45 -2.49
C HIS A 248 -0.18 -32.29 -1.45
N GLU A 249 -0.83 -32.52 -0.30
CA GLU A 249 -0.24 -33.35 0.74
C GLU A 249 0.13 -34.73 0.19
N SER A 250 -0.72 -35.29 -0.69
CA SER A 250 -0.55 -36.63 -1.22
C SER A 250 0.30 -36.71 -2.48
N SER A 251 0.70 -35.56 -3.04
CA SER A 251 1.53 -35.55 -4.24
C SER A 251 3.01 -35.41 -3.88
N LEU A 252 3.87 -35.97 -4.74
CA LEU A 252 5.30 -35.79 -4.58
C LEU A 252 5.78 -34.49 -5.22
N ILE A 253 5.21 -34.15 -6.36
CA ILE A 253 5.62 -32.99 -7.15
C ILE A 253 4.67 -31.84 -6.83
N LEU A 254 5.24 -30.67 -6.53
CA LEU A 254 4.39 -29.48 -6.42
C LEU A 254 4.35 -28.77 -7.77
N PRO A 255 3.17 -28.35 -8.24
CA PRO A 255 3.12 -27.52 -9.43
C PRO A 255 3.83 -26.21 -9.20
N PRO A 256 4.50 -25.68 -10.21
CA PRO A 256 5.10 -24.35 -10.07
C PRO A 256 4.04 -23.29 -9.93
N ILE A 257 4.50 -22.12 -9.48
CA ILE A 257 3.72 -20.89 -9.59
C ILE A 257 4.20 -20.16 -10.83
N LYS A 258 3.26 -19.80 -11.71
CA LYS A 258 3.58 -19.18 -12.99
C LYS A 258 3.25 -17.70 -12.93
N VAL A 259 4.13 -16.88 -13.51
CA VAL A 259 3.90 -15.45 -13.58
C VAL A 259 4.04 -15.00 -15.03
N MET A 260 3.10 -14.18 -15.49
CA MET A 260 3.13 -13.58 -16.82
C MET A 260 3.20 -12.07 -16.60
N VAL A 261 4.19 -11.41 -17.19
CA VAL A 261 4.27 -9.95 -17.13
C VAL A 261 3.95 -9.47 -18.54
N ALA A 262 2.87 -8.69 -18.69
CA ALA A 262 2.43 -8.21 -20.00
C ALA A 262 2.51 -6.69 -20.04
N LEU A 263 3.03 -6.14 -21.13
CA LEU A 263 3.07 -4.68 -21.28
C LEU A 263 2.21 -4.30 -22.46
N GLY A 264 1.16 -3.51 -22.21
CA GLY A 264 0.32 -2.98 -23.25
C GLY A 264 0.46 -1.47 -23.39
N GLU A 265 -0.42 -0.90 -24.22
CA GLU A 265 -0.37 0.54 -24.45
C GLU A 265 -0.77 1.32 -23.21
N GLU A 266 -1.66 0.78 -22.40
CA GLU A 266 -2.13 1.49 -21.21
C GLU A 266 -1.86 0.72 -19.94
N ASP A 267 -2.03 -0.60 -19.95
CA ASP A 267 -1.84 -1.42 -18.77
C ASP A 267 -0.50 -2.15 -18.82
N LEU A 268 0.12 -2.26 -17.65
CA LEU A 268 1.15 -3.26 -17.37
C LEU A 268 0.52 -4.23 -16.40
N SER A 269 0.30 -5.47 -16.84
CA SER A 269 -0.41 -6.46 -16.04
C SER A 269 0.55 -7.54 -15.58
N ILE A 270 0.38 -7.99 -14.35
CA ILE A 270 1.18 -9.07 -13.77
C ILE A 270 0.22 -10.12 -13.26
N LYS A 271 0.17 -11.27 -13.93
CA LYS A 271 -0.68 -12.37 -13.53
C LYS A 271 0.15 -13.42 -12.83
N MET A 272 -0.29 -13.82 -11.64
CA MET A 272 0.30 -14.94 -10.91
C MET A 272 -0.74 -16.06 -10.89
N SER A 273 -0.29 -17.30 -11.14
CA SER A 273 -1.19 -18.44 -11.27
C SER A 273 -0.69 -19.58 -10.41
N ASP A 274 -1.57 -20.18 -9.60
CA ASP A 274 -1.23 -21.36 -8.80
C ASP A 274 -2.18 -22.49 -9.14
N ARG A 275 -1.76 -23.72 -8.80
CA ARG A 275 -2.68 -24.85 -8.90
C ARG A 275 -3.00 -25.36 -7.51
N GLY A 276 -3.43 -24.44 -6.64
CA GLY A 276 -3.60 -24.73 -5.23
C GLY A 276 -5.01 -25.15 -4.87
N GLY A 277 -5.78 -25.63 -5.84
CA GLY A 277 -7.12 -26.12 -5.56
C GLY A 277 -8.22 -25.09 -5.64
N GLY A 278 -7.91 -23.80 -5.52
CA GLY A 278 -8.91 -22.77 -5.74
C GLY A 278 -9.94 -22.71 -4.62
N VAL A 279 -10.86 -21.76 -4.75
CA VAL A 279 -11.97 -21.60 -3.79
C VAL A 279 -13.24 -21.25 -4.56
N PRO A 280 -14.39 -21.56 -3.97
CA PRO A 280 -15.67 -21.20 -4.63
C PRO A 280 -15.79 -19.69 -4.79
N LEU A 281 -16.41 -19.28 -5.90
CA LEU A 281 -16.55 -17.84 -6.17
C LEU A 281 -17.14 -17.10 -4.97
N ARG A 282 -18.12 -17.72 -4.29
CA ARG A 282 -18.76 -17.09 -3.14
C ARG A 282 -17.79 -16.70 -2.04
N LYS A 283 -16.62 -17.33 -1.95
CA LYS A 283 -15.70 -17.03 -0.85
C LYS A 283 -14.56 -16.11 -1.23
N ILE A 284 -14.52 -15.60 -2.46
CA ILE A 284 -13.38 -14.78 -2.88
C ILE A 284 -13.40 -13.45 -2.16
N GLU A 285 -14.55 -12.79 -2.12
CA GLU A 285 -14.59 -11.41 -1.66
C GLU A 285 -14.18 -11.30 -0.19
N ARG A 286 -14.57 -12.26 0.65
CA ARG A 286 -14.22 -12.23 2.06
C ARG A 286 -12.71 -12.26 2.30
N LEU A 287 -11.93 -12.71 1.31
CA LEU A 287 -10.48 -12.66 1.39
C LEU A 287 -9.95 -11.24 1.43
N PHE A 288 -10.72 -10.27 0.96
CA PHE A 288 -10.32 -8.87 1.03
C PHE A 288 -10.88 -8.15 2.24
N SER A 289 -11.64 -8.85 3.09
CA SER A 289 -12.34 -8.22 4.20
C SER A 289 -11.42 -8.05 5.40
N TYR A 290 -11.32 -6.82 5.93
CA TYR A 290 -10.57 -6.64 7.15
C TYR A 290 -11.21 -7.41 8.30
N MET A 291 -12.55 -7.41 8.34
CA MET A 291 -13.25 -8.03 9.47
C MET A 291 -13.01 -9.54 9.49
N TYR A 292 -13.17 -10.21 8.35
CA TYR A 292 -12.99 -11.67 8.32
C TYR A 292 -11.52 -12.06 8.43
N SER A 293 -10.60 -11.16 8.05
CA SER A 293 -9.17 -11.41 8.19
C SER A 293 -8.65 -11.13 9.59
N THR A 294 -9.52 -10.67 10.49
CA THR A 294 -9.13 -10.37 11.87
C THR A 294 -9.57 -11.51 12.75
N ALA A 295 -8.64 -12.04 13.53
CA ALA A 295 -8.91 -13.13 14.46
C ALA A 295 -7.99 -12.97 15.65
N PRO A 296 -8.26 -13.68 16.75
CA PRO A 296 -7.33 -13.56 17.88
C PRO A 296 -6.22 -14.61 17.85
N THR A 305 0.70 -18.82 13.72
CA THR A 305 0.08 -18.12 12.61
C THR A 305 0.61 -18.66 11.27
N PRO A 306 -0.28 -18.97 10.33
CA PRO A 306 0.16 -19.63 9.09
C PRO A 306 0.91 -18.69 8.16
N LEU A 307 1.48 -19.29 7.11
CA LEU A 307 2.23 -18.54 6.10
C LEU A 307 1.38 -17.46 5.46
N ALA A 308 0.08 -17.71 5.31
CA ALA A 308 -0.82 -16.75 4.68
C ALA A 308 -2.23 -17.01 5.17
N GLY A 309 -3.08 -16.00 5.00
CA GLY A 309 -4.50 -16.12 5.25
C GLY A 309 -5.03 -15.23 6.36
N PHE A 310 -4.17 -14.78 7.26
CA PHE A 310 -4.60 -13.87 8.31
C PHE A 310 -3.78 -12.59 8.26
N GLY A 311 -4.35 -11.55 8.86
CA GLY A 311 -3.80 -10.23 8.68
C GLY A 311 -4.24 -9.61 7.38
N TYR A 312 -3.75 -8.39 7.15
CA TYR A 312 -4.34 -7.51 6.16
C TYR A 312 -3.53 -7.41 4.89
N GLY A 313 -2.64 -8.39 4.64
CA GLY A 313 -1.77 -8.30 3.48
C GLY A 313 -2.52 -8.19 2.17
N LEU A 314 -3.57 -8.99 2.01
CA LEU A 314 -4.27 -8.96 0.72
C LEU A 314 -5.01 -7.64 0.50
N PRO A 315 -5.88 -7.16 1.40
CA PRO A 315 -6.55 -5.87 1.12
C PRO A 315 -5.58 -4.69 1.06
N ILE A 316 -4.50 -4.71 1.84
CA ILE A 316 -3.55 -3.61 1.75
C ILE A 316 -2.80 -3.67 0.43
N SER A 317 -2.49 -4.87 -0.05
CA SER A 317 -1.89 -5.01 -1.37
C SER A 317 -2.78 -4.43 -2.45
N ARG A 318 -4.10 -4.63 -2.34
CA ARG A 318 -4.98 -4.03 -3.33
C ARG A 318 -4.92 -2.51 -3.28
N LEU A 319 -4.80 -1.93 -2.07
CA LEU A 319 -4.71 -0.48 -1.96
C LEU A 319 -3.41 0.04 -2.58
N TYR A 320 -2.30 -0.69 -2.43
CA TYR A 320 -1.08 -0.27 -3.11
C TYR A 320 -1.29 -0.21 -4.61
N ALA A 321 -1.94 -1.24 -5.17
CA ALA A 321 -2.23 -1.23 -6.59
C ALA A 321 -3.14 -0.07 -6.94
N LYS A 322 -4.14 0.20 -6.11
CA LYS A 322 -5.06 1.30 -6.42
C LYS A 322 -4.40 2.67 -6.29
N TYR A 323 -3.32 2.78 -5.50
CA TYR A 323 -2.77 4.09 -5.13
C TYR A 323 -2.33 4.92 -6.35
N PHE A 324 -1.74 4.29 -7.37
CA PHE A 324 -1.41 4.97 -8.62
C PHE A 324 -2.29 4.52 -9.77
N GLN A 325 -3.59 4.33 -9.49
CA GLN A 325 -4.66 4.11 -10.48
C GLN A 325 -4.67 2.69 -11.03
N GLY A 326 -4.06 1.73 -10.33
CA GLY A 326 -4.09 0.34 -10.74
C GLY A 326 -5.17 -0.45 -10.02
N ASP A 327 -5.05 -1.78 -10.07
CA ASP A 327 -6.01 -2.61 -9.34
C ASP A 327 -5.37 -3.99 -9.12
N LEU A 328 -6.02 -4.78 -8.27
CA LEU A 328 -5.56 -6.14 -7.98
C LEU A 328 -6.79 -7.02 -7.89
N GLN A 329 -6.87 -8.03 -8.74
CA GLN A 329 -8.08 -8.85 -8.83
C GLN A 329 -7.70 -10.32 -8.66
N LEU A 330 -8.62 -11.08 -8.06
CA LEU A 330 -8.44 -12.51 -7.84
C LEU A 330 -9.52 -13.25 -8.59
N PHE A 331 -9.12 -14.33 -9.26
N PHE A 331 -9.16 -14.32 -9.29
CA PHE A 331 -9.99 -15.18 -10.06
CA PHE A 331 -10.22 -15.15 -9.86
C PHE A 331 -9.61 -16.61 -9.76
C PHE A 331 -9.75 -16.58 -9.92
N SER A 332 -10.56 -17.45 -9.36
CA SER A 332 -10.23 -18.79 -8.96
C SER A 332 -11.12 -19.77 -9.72
N MET A 333 -10.69 -21.02 -9.76
CA MET A 333 -11.51 -22.09 -10.33
C MET A 333 -11.48 -23.21 -9.30
N GLU A 334 -12.58 -23.36 -8.55
CA GLU A 334 -12.62 -24.33 -7.48
C GLU A 334 -12.31 -25.71 -8.03
N GLY A 335 -11.38 -26.40 -7.40
CA GLY A 335 -10.95 -27.69 -7.87
C GLY A 335 -9.66 -27.68 -8.66
N PHE A 336 -9.19 -26.50 -9.08
CA PHE A 336 -7.99 -26.40 -9.91
C PHE A 336 -6.98 -25.42 -9.34
N GLY A 337 -7.28 -24.12 -9.38
CA GLY A 337 -6.33 -23.15 -8.85
C GLY A 337 -6.87 -21.74 -8.99
N THR A 338 -5.95 -20.78 -8.85
CA THR A 338 -6.30 -19.37 -8.67
C THR A 338 -5.32 -18.48 -9.44
N ASP A 339 -5.87 -17.43 -10.07
CA ASP A 339 -5.08 -16.37 -10.70
C ASP A 339 -5.22 -15.09 -9.89
N ALA A 340 -4.14 -14.33 -9.83
CA ALA A 340 -4.18 -12.98 -9.29
C ALA A 340 -3.54 -12.08 -10.33
N VAL A 341 -4.17 -10.95 -10.62
CA VAL A 341 -3.64 -10.01 -11.59
C VAL A 341 -3.45 -8.66 -10.91
N ILE A 342 -2.23 -8.13 -10.96
CA ILE A 342 -1.95 -6.74 -10.61
C ILE A 342 -2.01 -5.92 -11.90
N TYR A 343 -2.83 -4.88 -11.92
CA TYR A 343 -2.94 -3.99 -13.07
C TYR A 343 -2.31 -2.66 -12.69
N LEU A 344 -1.31 -2.23 -13.44
CA LEU A 344 -0.64 -0.97 -13.21
C LEU A 344 -0.71 -0.12 -14.45
N LYS A 345 -0.64 1.20 -14.26
CA LYS A 345 -0.57 2.08 -15.42
C LYS A 345 0.78 1.91 -16.10
N ALA A 346 0.76 1.70 -17.42
CA ALA A 346 2.01 1.58 -18.16
C ALA A 346 2.71 2.92 -18.35
N LEU A 347 1.98 4.03 -18.36
CA LEU A 347 2.54 5.33 -18.67
C LEU A 347 2.68 6.18 -17.41
N SER A 348 3.85 6.77 -17.21
CA SER A 348 4.07 7.57 -16.00
C SER A 348 3.14 8.77 -15.95
N THR A 349 2.71 9.27 -17.11
CA THR A 349 1.77 10.39 -17.09
C THR A 349 0.43 9.97 -16.50
N ASP A 350 0.04 8.71 -16.67
CA ASP A 350 -1.20 8.19 -16.13
C ASP A 350 -1.10 7.77 -14.66
N SER A 351 0.11 7.71 -14.09
CA SER A 351 0.29 7.22 -12.72
C SER A 351 0.12 8.40 -11.78
N VAL A 352 -1.10 8.61 -11.31
CA VAL A 352 -1.43 9.73 -10.43
C VAL A 352 -1.96 9.17 -9.11
N GLU A 353 -1.54 9.78 -8.01
CA GLU A 353 -2.01 9.37 -6.69
C GLU A 353 -3.52 9.30 -6.66
N ARG A 354 -4.05 8.27 -6.02
CA ARG A 354 -5.48 8.12 -5.81
C ARG A 354 -5.74 8.34 -4.32
N LEU A 355 -6.39 9.45 -3.99
CA LEU A 355 -6.54 9.80 -2.59
C LEU A 355 -8.00 9.77 -2.18
N PRO A 356 -8.32 9.33 -0.96
CA PRO A 356 -9.68 9.55 -0.45
C PRO A 356 -9.91 11.02 -0.16
N VAL A 357 -11.06 11.54 -0.59
CA VAL A 357 -11.41 12.94 -0.32
C VAL A 357 -12.58 13.00 0.65
N TYR A 358 -12.56 14.03 1.50
CA TYR A 358 -13.65 14.27 2.44
C TYR A 358 -14.66 15.23 1.80
N ASN A 359 -15.43 14.68 0.86
CA ASN A 359 -16.57 15.38 0.31
C ASN A 359 -17.78 15.17 1.22
N LYS A 360 -18.82 15.99 1.03
CA LYS A 360 -20.07 15.82 1.77
C LYS A 360 -20.73 14.47 1.46
N SER A 361 -20.56 13.98 0.22
CA SER A 361 -21.08 12.66 -0.13
C SER A 361 -20.45 11.57 0.73
N ALA A 362 -19.24 11.79 1.25
CA ALA A 362 -18.63 10.89 2.22
C ALA A 362 -18.85 11.40 3.65
#